data_7SQ0
#
_entry.id   7SQ0
#
_cell.length_a   1.00
_cell.length_b   1.00
_cell.length_c   1.00
_cell.angle_alpha   90.00
_cell.angle_beta   90.00
_cell.angle_gamma   90.00
#
_symmetry.space_group_name_H-M   'P 1'
#
loop_
_entity.id
_entity.type
_entity.pdbx_description
1 polymer 'ATPase ASNA1 homolog'
2 polymer 'TMD of the tail-anchored protein Bos1'
3 non-polymer "ADENOSINE-5'-DIPHOSPHATE"
4 non-polymer 'ZINC ION'
5 non-polymer 'MAGNESIUM ION'
#
loop_
_entity_poly.entity_id
_entity_poly.type
_entity_poly.pdbx_seq_one_letter_code
_entity_poly.pdbx_strand_id
1 'polypeptide(L)'
;MLPSLHDILDQHTYKWIFFGGKGGVGKTTTSSSFSVLMAETRPNEKFLLLSTDPAHNISDAFDQKFGKAPTQVSGIPNLY
AMEVDASNEMKSAVEAVQKETGSAA(UNK)(UNK)(UNK)(UNK)(UNK)(UNK)(UNK)(UNK)(UNK)(UNK)(UNK)
(UNK)(UNK)(UNK)(UNK)(UNK)(UNK)(UNK)(UNK)ITCASSFIKDGTFPGMDEMWSFINLIKLIDTNEYSTVIFD
TAPTGHTLRFLELPETVNKVLEIFTRLKDNMGGMLSMVMQTMGLSQNDIFGLIDKTYPKIDVVKRISAEFRDPSLCTFVG
VCIPEFLSLYETERLVQRLAVLDMDCHAIVINFVLDANAATPCSMCRSRARMQNKYIDQINELYDDFNIVLSPLRHDEVR
GIANLRDYAETLIKPYRFCWSANPDPSSAK
;
A,B
2 'polypeptide(L)'
;MDHHHHHHENLYFQSADLEDNWETLNDNLKVIEKADNAAQVKDALTKMRAAALDAQKATPPKLEDKSPDSPEMKDFRHGF
DILVGQIDDALKLANEGKVKEAQAAAEQLKTTRNAYIQKYLLVFWIALILLIIGIYYVL
;
C
#
# COMPACT_ATOMS: atom_id res chain seq x y z
N MET A 1 -8.12 20.85 -21.51
CA MET A 1 -9.49 21.43 -21.69
C MET A 1 -10.51 20.33 -21.90
N LEU A 2 -10.37 19.56 -22.96
CA LEU A 2 -11.33 18.52 -23.29
C LEU A 2 -11.19 17.38 -22.30
N PRO A 3 -12.28 16.91 -21.68
CA PRO A 3 -12.20 15.80 -20.71
C PRO A 3 -12.12 14.43 -21.39
N SER A 4 -10.95 14.11 -21.92
CA SER A 4 -10.73 12.85 -22.61
C SER A 4 -9.23 12.65 -22.79
N LEU A 5 -8.88 11.43 -23.18
CA LEU A 5 -7.49 11.06 -23.43
C LEU A 5 -7.22 10.82 -24.91
N HIS A 6 -8.09 11.32 -25.78
CA HIS A 6 -7.90 11.10 -27.22
C HIS A 6 -6.56 11.62 -27.70
N ASP A 7 -6.05 12.68 -27.07
CA ASP A 7 -4.75 13.22 -27.45
C ASP A 7 -3.62 12.24 -27.18
N ILE A 8 -3.84 11.24 -26.34
CA ILE A 8 -2.78 10.30 -26.00
C ILE A 8 -2.55 9.31 -27.14
N LEU A 9 -3.62 8.74 -27.67
CA LEU A 9 -3.47 7.71 -28.70
C LEU A 9 -2.81 8.26 -29.95
N ASP A 10 -3.15 9.49 -30.34
CA ASP A 10 -2.58 10.05 -31.55
C ASP A 10 -1.06 10.13 -31.48
N GLN A 11 -0.51 10.35 -30.28
CA GLN A 11 0.94 10.46 -30.11
C GLN A 11 1.52 9.06 -29.97
N HIS A 12 1.75 8.43 -31.13
CA HIS A 12 2.35 7.10 -31.16
C HIS A 12 3.79 7.10 -30.64
N THR A 13 4.42 8.27 -30.52
CA THR A 13 5.80 8.32 -30.07
C THR A 13 5.95 7.83 -28.64
N TYR A 14 4.86 7.78 -27.87
CA TYR A 14 4.96 7.36 -26.48
C TYR A 14 5.54 5.96 -26.38
N LYS A 15 6.28 5.72 -25.30
CA LYS A 15 6.90 4.42 -25.06
C LYS A 15 6.56 3.91 -23.68
N TRP A 16 6.36 4.82 -22.73
CA TRP A 16 6.11 4.47 -21.33
C TRP A 16 4.88 5.21 -20.84
N ILE A 17 3.95 4.46 -20.24
CA ILE A 17 2.75 5.02 -19.65
C ILE A 17 2.63 4.51 -18.22
N PHE A 18 2.23 5.39 -17.31
CA PHE A 18 2.12 5.06 -15.90
C PHE A 18 0.72 5.43 -15.40
N PHE A 19 0.23 4.65 -14.44
CA PHE A 19 -1.05 4.92 -13.77
C PHE A 19 -0.83 4.73 -12.28
N GLY A 20 -0.81 5.84 -11.54
CA GLY A 20 -0.53 5.80 -10.12
C GLY A 20 -1.60 6.53 -9.32
N GLY A 21 -1.49 6.39 -8.01
CA GLY A 21 -2.41 7.02 -7.09
C GLY A 21 -2.56 6.18 -5.84
N LYS A 22 -3.61 6.49 -5.07
CA LYS A 22 -3.88 5.79 -3.84
C LYS A 22 -4.51 4.44 -4.12
N GLY A 23 -4.73 3.67 -3.05
CA GLY A 23 -5.30 2.34 -3.17
C GLY A 23 -6.81 2.36 -3.04
N GLY A 24 -7.46 1.49 -3.81
CA GLY A 24 -8.91 1.39 -3.77
C GLY A 24 -9.64 2.38 -4.65
N VAL A 25 -9.07 2.75 -5.79
CA VAL A 25 -9.68 3.75 -6.66
C VAL A 25 -9.79 3.31 -8.11
N GLY A 26 -9.05 2.30 -8.55
CA GLY A 26 -9.17 1.81 -9.91
C GLY A 26 -7.91 1.97 -10.73
N LYS A 27 -6.75 1.89 -10.08
CA LYS A 27 -5.49 1.97 -10.81
C LYS A 27 -5.35 0.79 -11.77
N THR A 28 -5.80 -0.39 -11.35
CA THR A 28 -5.65 -1.58 -12.18
C THR A 28 -6.72 -1.63 -13.26
N THR A 29 -7.99 -1.49 -12.87
CA THR A 29 -9.07 -1.54 -13.83
C THR A 29 -8.89 -0.51 -14.94
N THR A 30 -8.33 0.65 -14.60
CA THR A 30 -8.17 1.71 -15.58
C THR A 30 -7.03 1.40 -16.55
N SER A 31 -5.88 0.97 -16.01
CA SER A 31 -4.72 0.72 -16.86
C SER A 31 -5.00 -0.39 -17.87
N SER A 32 -5.52 -1.52 -17.39
CA SER A 32 -5.77 -2.65 -18.28
C SER A 32 -6.72 -2.26 -19.41
N SER A 33 -7.76 -1.49 -19.10
CA SER A 33 -8.72 -1.12 -20.12
C SER A 33 -8.07 -0.27 -21.21
N PHE A 34 -7.33 0.77 -20.80
CA PHE A 34 -6.70 1.65 -21.77
C PHE A 34 -5.79 0.88 -22.72
N SER A 35 -5.13 -0.17 -22.23
CA SER A 35 -4.26 -0.97 -23.09
C SER A 35 -5.06 -1.68 -24.17
N VAL A 36 -6.21 -2.25 -23.81
CA VAL A 36 -7.04 -2.94 -24.79
C VAL A 36 -7.45 -2.00 -25.91
N LEU A 37 -7.78 -0.76 -25.56
CA LEU A 37 -8.22 0.21 -26.56
C LEU A 37 -7.11 0.50 -27.56
N MET A 38 -5.88 0.65 -27.07
CA MET A 38 -4.78 0.97 -27.96
C MET A 38 -4.40 -0.20 -28.85
N ALA A 39 -4.62 -1.43 -28.39
CA ALA A 39 -4.27 -2.60 -29.18
C ALA A 39 -5.21 -2.77 -30.36
N GLU A 40 -6.52 -2.82 -30.10
CA GLU A 40 -7.48 -2.99 -31.17
C GLU A 40 -7.39 -1.87 -32.20
N THR A 41 -6.80 -0.74 -31.85
CA THR A 41 -6.66 0.37 -32.79
C THR A 41 -5.39 0.27 -33.62
N ARG A 42 -4.35 -0.41 -33.12
CA ARG A 42 -3.08 -0.56 -33.81
C ARG A 42 -2.74 -2.04 -33.85
N PRO A 43 -3.33 -2.79 -34.79
CA PRO A 43 -3.11 -4.25 -34.82
C PRO A 43 -1.76 -4.67 -35.39
N ASN A 44 -1.02 -3.76 -36.02
CA ASN A 44 0.27 -4.08 -36.63
C ASN A 44 1.44 -3.73 -35.73
N GLU A 45 1.25 -3.83 -34.41
CA GLU A 45 2.31 -3.53 -33.47
C GLU A 45 2.13 -4.39 -32.23
N LYS A 46 3.15 -4.38 -31.37
CA LYS A 46 3.15 -5.12 -30.12
C LYS A 46 2.94 -4.18 -28.95
N PHE A 47 2.35 -4.70 -27.89
CA PHE A 47 2.13 -3.93 -26.67
C PHE A 47 2.27 -4.85 -25.47
N LEU A 48 2.67 -4.28 -24.34
CA LEU A 48 2.94 -5.03 -23.13
C LEU A 48 2.29 -4.35 -21.94
N LEU A 49 1.75 -5.16 -21.03
CA LEU A 49 1.26 -4.71 -19.75
C LEU A 49 2.12 -5.32 -18.65
N LEU A 50 2.23 -4.61 -17.53
CA LEU A 50 3.09 -5.05 -16.44
C LEU A 50 2.56 -4.48 -15.13
N SER A 51 2.66 -5.28 -14.07
CA SER A 51 2.19 -4.92 -12.74
C SER A 51 3.37 -4.94 -11.78
N THR A 52 3.58 -3.83 -11.07
CA THR A 52 4.64 -3.72 -10.08
C THR A 52 4.10 -3.78 -8.65
N ASP A 53 2.81 -4.04 -8.48
CA ASP A 53 2.21 -4.07 -7.16
C ASP A 53 2.24 -5.49 -6.60
N PRO A 54 2.65 -5.70 -5.35
CA PRO A 54 2.65 -7.05 -4.81
C PRO A 54 1.26 -7.68 -4.79
N ALA A 55 0.21 -6.89 -4.60
CA ALA A 55 -1.16 -7.39 -4.62
C ALA A 55 -1.63 -7.52 -6.07
N HIS A 56 -0.98 -8.44 -6.77
CA HIS A 56 -1.30 -8.69 -8.18
C HIS A 56 -2.74 -9.14 -8.34
N ASN A 57 -3.57 -8.31 -8.97
CA ASN A 57 -4.97 -8.62 -9.18
C ASN A 57 -5.39 -8.49 -10.64
N ILE A 58 -4.44 -8.41 -11.57
CA ILE A 58 -4.79 -8.33 -12.98
C ILE A 58 -5.49 -9.61 -13.43
N SER A 59 -5.00 -10.77 -12.97
CA SER A 59 -5.59 -12.03 -13.36
C SER A 59 -7.08 -12.07 -13.01
N ASP A 60 -7.47 -11.44 -11.91
CA ASP A 60 -8.87 -11.44 -11.52
C ASP A 60 -9.72 -10.51 -12.38
N ALA A 61 -9.08 -9.57 -13.08
CA ALA A 61 -9.83 -8.66 -13.94
C ALA A 61 -10.09 -9.25 -15.31
N PHE A 62 -9.13 -10.02 -15.84
CA PHE A 62 -9.27 -10.65 -17.14
C PHE A 62 -9.91 -12.03 -17.07
N ASP A 63 -10.11 -12.57 -15.87
CA ASP A 63 -10.62 -13.93 -15.69
C ASP A 63 -9.68 -14.96 -16.31
N GLN A 64 -8.41 -14.61 -16.41
CA GLN A 64 -7.39 -15.47 -17.00
C GLN A 64 -6.18 -15.51 -16.08
N LYS A 65 -5.46 -16.62 -16.12
CA LYS A 65 -4.32 -16.84 -15.26
C LYS A 65 -3.05 -16.27 -15.90
N PHE A 66 -2.16 -15.75 -15.05
CA PHE A 66 -0.90 -15.18 -15.50
C PHE A 66 0.20 -15.64 -14.55
N GLY A 67 1.44 -15.59 -15.05
CA GLY A 67 2.59 -16.03 -14.28
C GLY A 67 3.69 -15.00 -14.22
N LYS A 68 4.85 -15.39 -13.70
CA LYS A 68 5.99 -14.50 -13.57
C LYS A 68 6.68 -14.22 -14.90
N ALA A 69 6.24 -14.84 -15.99
CA ALA A 69 6.83 -14.65 -17.29
C ALA A 69 5.81 -14.05 -18.25
N PRO A 70 6.26 -13.35 -19.29
CA PRO A 70 5.30 -12.74 -20.23
C PRO A 70 4.47 -13.81 -20.94
N THR A 71 3.17 -13.56 -21.02
CA THR A 71 2.22 -14.46 -21.67
C THR A 71 1.39 -13.66 -22.66
N GLN A 72 0.48 -14.37 -23.33
CA GLN A 72 -0.40 -13.77 -24.33
C GLN A 72 -1.84 -13.93 -23.91
N VAL A 73 -2.65 -12.90 -24.19
CA VAL A 73 -4.06 -12.92 -23.84
C VAL A 73 -4.83 -13.74 -24.86
N SER A 74 -5.86 -14.44 -24.39
CA SER A 74 -6.63 -15.31 -25.26
C SER A 74 -7.52 -14.50 -26.20
N GLY A 75 -8.08 -13.39 -25.70
CA GLY A 75 -9.00 -12.62 -26.51
C GLY A 75 -8.35 -11.93 -27.69
N ILE A 76 -7.09 -11.56 -27.56
CA ILE A 76 -6.38 -10.82 -28.61
C ILE A 76 -4.91 -11.21 -28.61
N PRO A 77 -4.27 -11.37 -29.78
CA PRO A 77 -2.87 -11.79 -29.81
C PRO A 77 -1.90 -10.64 -29.68
N ASN A 78 -2.32 -9.43 -30.06
CA ASN A 78 -1.41 -8.29 -30.06
C ASN A 78 -0.96 -7.91 -28.67
N LEU A 79 -1.77 -8.20 -27.65
CA LEU A 79 -1.48 -7.78 -26.28
C LEU A 79 -0.79 -8.90 -25.51
N TYR A 80 0.04 -8.49 -24.55
CA TYR A 80 0.74 -9.41 -23.67
C TYR A 80 0.60 -8.94 -22.24
N ALA A 81 0.76 -9.88 -21.30
CA ALA A 81 0.64 -9.60 -19.89
C ALA A 81 1.87 -10.14 -19.16
N MET A 82 2.05 -9.67 -17.93
CA MET A 82 3.20 -10.07 -17.12
C MET A 82 3.04 -9.49 -15.72
N GLU A 83 3.67 -10.15 -14.75
CA GLU A 83 3.68 -9.68 -13.38
C GLU A 83 5.01 -10.08 -12.74
N VAL A 84 5.64 -9.13 -12.04
CA VAL A 84 6.95 -9.33 -11.45
C VAL A 84 6.79 -9.71 -9.99
N ASP A 85 7.64 -10.62 -9.52
CA ASP A 85 7.66 -11.05 -8.13
C ASP A 85 9.11 -11.13 -7.66
N ALA A 86 9.35 -10.74 -6.40
CA ALA A 86 10.70 -10.72 -5.88
C ALA A 86 11.31 -12.11 -5.83
N SER A 87 10.48 -13.14 -5.68
CA SER A 87 11.00 -14.51 -5.58
C SER A 87 11.72 -14.96 -6.84
N ASN A 88 11.59 -14.23 -7.95
CA ASN A 88 12.27 -14.63 -9.18
C ASN A 88 13.77 -14.60 -9.01
N GLU A 89 14.32 -13.47 -8.55
CA GLU A 89 15.76 -13.36 -8.37
C GLU A 89 16.27 -14.31 -7.29
N MET A 90 15.51 -14.45 -6.20
CA MET A 90 15.92 -15.35 -5.13
C MET A 90 15.98 -16.79 -5.61
N LYS A 91 14.93 -17.24 -6.31
CA LYS A 91 14.91 -18.61 -6.83
C LYS A 91 16.04 -18.83 -7.83
N SER A 92 16.42 -17.80 -8.57
CA SER A 92 17.50 -17.94 -9.54
C SER A 92 18.85 -18.06 -8.84
N ALA A 93 19.10 -17.23 -7.84
CA ALA A 93 20.38 -17.27 -7.15
C ALA A 93 20.53 -18.55 -6.34
N VAL A 94 19.44 -19.04 -5.75
CA VAL A 94 19.48 -20.26 -4.95
C VAL A 94 19.35 -21.48 -5.86
N UNK A 106 28.78 -15.59 -5.46
CA UNK A 106 27.62 -14.76 -5.73
C UNK A 106 27.01 -14.24 -4.43
N UNK A 107 25.69 -14.30 -4.32
CA UNK A 107 24.99 -13.87 -3.13
C UNK A 107 25.53 -14.60 -1.90
N UNK A 108 25.84 -15.89 -2.08
CA UNK A 108 26.40 -16.70 -1.01
C UNK A 108 27.73 -16.12 -0.55
N UNK A 109 28.44 -15.48 -1.47
CA UNK A 109 29.71 -14.85 -1.16
C UNK A 109 29.48 -13.46 -0.56
N UNK A 110 28.31 -12.91 -0.83
CA UNK A 110 27.94 -11.59 -0.31
C UNK A 110 27.59 -11.67 1.16
N UNK A 111 26.78 -12.66 1.52
CA UNK A 111 26.38 -12.85 2.91
C UNK A 111 27.60 -13.08 3.78
N UNK A 112 28.56 -13.85 3.26
CA UNK A 112 29.79 -14.14 3.99
C UNK A 112 30.59 -12.86 4.20
N UNK A 113 30.50 -11.95 3.24
CA UNK A 113 31.22 -10.68 3.32
C UNK A 113 30.72 -9.86 4.51
N UNK A 114 29.40 -9.75 4.63
CA UNK A 114 28.80 -9.00 5.73
C UNK A 114 29.13 -9.65 7.08
N UNK A 115 29.26 -10.98 7.06
CA UNK A 115 29.59 -11.71 8.28
C UNK A 115 30.97 -11.32 8.79
N UNK A 116 31.94 -11.30 7.87
CA UNK A 116 33.31 -10.94 8.23
C UNK A 116 33.38 -9.48 8.68
N UNK A 117 32.73 -8.60 7.94
CA UNK A 117 32.71 -7.18 8.27
C UNK A 117 32.09 -6.95 9.64
N UNK A 118 30.96 -7.60 9.89
CA UNK A 118 30.27 -7.47 11.18
C UNK A 118 31.15 -8.00 12.31
N UNK A 119 31.99 -8.97 11.99
CA UNK A 119 32.88 -9.57 12.97
C UNK A 119 33.97 -8.59 13.38
N UNK A 120 34.52 -7.88 12.39
CA UNK A 120 35.58 -6.91 12.64
C UNK A 120 35.11 -5.83 13.61
N UNK A 121 33.92 -5.31 13.37
CA UNK A 121 33.35 -4.27 14.21
C UNK A 121 33.10 -4.80 15.63
N UNK A 122 32.84 -6.09 15.73
CA UNK A 122 32.58 -6.72 17.03
C UNK A 122 33.80 -6.60 17.94
N UNK A 123 34.98 -6.58 17.34
CA UNK A 123 36.22 -6.47 18.10
C UNK A 123 36.69 -5.03 18.18
N UNK A 124 35.88 -4.12 17.64
CA UNK A 124 36.22 -2.69 17.66
C UNK A 124 36.12 -2.12 19.08
N ILE A 125 27.94 -23.35 7.96
CA ILE A 125 27.03 -22.50 7.21
C ILE A 125 25.62 -22.58 7.81
N THR A 126 25.55 -22.97 9.09
CA THR A 126 24.26 -23.07 9.75
C THR A 126 23.56 -21.72 9.81
N CYS A 127 24.30 -20.67 10.18
CA CYS A 127 23.70 -19.33 10.25
C CYS A 127 23.45 -18.78 8.85
N ALA A 128 24.36 -19.02 7.92
CA ALA A 128 24.18 -18.51 6.56
C ALA A 128 22.94 -19.11 5.90
N SER A 129 22.69 -20.39 6.12
CA SER A 129 21.51 -21.03 5.52
C SER A 129 20.24 -20.38 6.02
N SER A 130 20.11 -20.22 7.34
CA SER A 130 18.92 -19.57 7.89
C SER A 130 18.78 -18.14 7.39
N PHE A 131 19.91 -17.44 7.23
CA PHE A 131 19.87 -16.07 6.74
C PHE A 131 19.13 -15.98 5.41
N ILE A 132 19.37 -16.95 4.52
CA ILE A 132 18.76 -16.90 3.20
C ILE A 132 17.41 -17.59 3.16
N LYS A 133 17.20 -18.60 4.00
CA LYS A 133 15.95 -19.37 3.96
C LYS A 133 14.76 -18.47 4.25
N ASP A 134 14.75 -17.84 5.44
CA ASP A 134 13.60 -17.04 5.84
C ASP A 134 13.31 -15.93 4.83
N GLY A 135 14.36 -15.31 4.31
CA GLY A 135 14.15 -14.23 3.35
C GLY A 135 13.30 -13.13 3.96
N THR A 136 12.33 -12.65 3.18
CA THR A 136 11.42 -11.60 3.62
C THR A 136 12.19 -10.40 4.16
N PHE A 137 13.19 -9.96 3.40
CA PHE A 137 13.99 -8.82 3.82
C PHE A 137 13.42 -7.54 3.24
N PRO A 138 13.31 -6.48 4.03
CA PRO A 138 12.72 -5.24 3.52
C PRO A 138 13.43 -4.75 2.27
N GLY A 139 12.66 -4.08 1.39
CA GLY A 139 13.18 -3.53 0.17
C GLY A 139 13.36 -4.51 -0.96
N MET A 140 13.32 -5.81 -0.69
CA MET A 140 13.54 -6.80 -1.74
C MET A 140 12.53 -6.64 -2.87
N ASP A 141 11.27 -6.33 -2.53
CA ASP A 141 10.26 -6.15 -3.55
C ASP A 141 10.65 -5.04 -4.53
N GLU A 142 11.20 -3.94 -4.00
CA GLU A 142 11.59 -2.83 -4.87
C GLU A 142 12.93 -3.10 -5.53
N MET A 143 13.86 -3.73 -4.81
CA MET A 143 15.19 -3.97 -5.37
C MET A 143 15.11 -4.89 -6.58
N TRP A 144 14.60 -6.12 -6.39
CA TRP A 144 14.54 -7.06 -7.50
C TRP A 144 13.66 -6.56 -8.62
N SER A 145 12.65 -5.75 -8.31
CA SER A 145 11.78 -5.21 -9.35
C SER A 145 12.59 -4.42 -10.38
N PHE A 146 13.43 -3.50 -9.90
CA PHE A 146 14.26 -2.72 -10.81
C PHE A 146 15.15 -3.63 -11.65
N ILE A 147 15.64 -4.72 -11.05
CA ILE A 147 16.52 -5.62 -11.78
C ILE A 147 15.77 -6.29 -12.92
N ASN A 148 14.59 -6.83 -12.63
CA ASN A 148 13.83 -7.56 -13.64
C ASN A 148 13.43 -6.63 -14.80
N LEU A 149 12.85 -5.48 -14.47
CA LEU A 149 12.43 -4.53 -15.50
C LEU A 149 13.58 -4.20 -16.45
N ILE A 150 14.77 -3.94 -15.89
CA ILE A 150 15.92 -3.58 -16.72
C ILE A 150 16.16 -4.65 -17.77
N LYS A 151 16.01 -5.92 -17.40
CA LYS A 151 16.15 -6.99 -18.39
C LYS A 151 15.09 -6.87 -19.47
N LEU A 152 13.85 -6.57 -19.07
CA LEU A 152 12.79 -6.40 -20.05
C LEU A 152 12.92 -5.09 -20.82
N ILE A 153 13.44 -4.05 -20.15
CA ILE A 153 13.60 -2.76 -20.82
C ILE A 153 14.63 -2.84 -21.93
N ASP A 154 15.65 -3.67 -21.76
CA ASP A 154 16.69 -3.80 -22.77
C ASP A 154 16.11 -4.30 -24.09
N THR A 155 15.23 -5.29 -24.03
CA THR A 155 14.62 -5.82 -25.24
C THR A 155 13.84 -4.72 -25.96
N ASN A 156 13.93 -4.72 -27.29
CA ASN A 156 13.33 -3.68 -28.12
C ASN A 156 12.37 -4.30 -29.13
N GLU A 157 11.56 -5.25 -28.67
CA GLU A 157 10.55 -5.88 -29.50
C GLU A 157 9.17 -5.26 -29.35
N TYR A 158 8.81 -4.85 -28.13
CA TYR A 158 7.55 -4.16 -27.91
C TYR A 158 7.67 -2.70 -28.31
N SER A 159 6.51 -2.07 -28.52
CA SER A 159 6.46 -0.66 -28.88
C SER A 159 6.29 0.23 -27.65
N THR A 160 5.34 -0.10 -26.79
CA THR A 160 5.05 0.67 -25.58
C THR A 160 4.85 -0.28 -24.41
N VAL A 161 4.79 0.30 -23.22
CA VAL A 161 4.63 -0.44 -21.98
C VAL A 161 3.71 0.32 -21.06
N ILE A 162 2.82 -0.41 -20.38
CA ILE A 162 1.88 0.17 -19.44
C ILE A 162 2.15 -0.42 -18.06
N PHE A 163 2.00 0.40 -17.03
CA PHE A 163 2.32 0.03 -15.66
C PHE A 163 1.11 0.20 -14.77
N ASP A 164 0.90 -0.76 -13.87
CA ASP A 164 -0.07 -0.66 -12.78
C ASP A 164 0.72 -0.52 -11.49
N THR A 165 1.06 0.73 -11.16
CA THR A 165 2.00 1.00 -10.08
C THR A 165 1.34 0.82 -8.71
N ALA A 166 2.19 0.64 -7.71
CA ALA A 166 1.76 0.53 -6.33
C ALA A 166 1.49 1.93 -5.78
N PRO A 167 1.09 2.06 -4.50
CA PRO A 167 0.82 3.38 -3.94
C PRO A 167 1.96 4.37 -4.16
N THR A 168 1.66 5.66 -4.05
CA THR A 168 2.65 6.69 -4.32
C THR A 168 3.84 6.59 -3.38
N GLY A 169 3.64 6.04 -2.18
CA GLY A 169 4.72 5.95 -1.22
C GLY A 169 5.93 5.17 -1.74
N HIS A 170 5.70 4.25 -2.67
CA HIS A 170 6.76 3.39 -3.19
C HIS A 170 7.15 3.70 -4.63
N THR A 171 6.18 4.02 -5.49
CA THR A 171 6.49 4.26 -6.90
C THR A 171 7.50 5.38 -7.07
N LEU A 172 7.46 6.38 -6.19
CA LEU A 172 8.43 7.49 -6.28
C LEU A 172 9.84 7.00 -5.98
N ARG A 173 10.01 6.26 -4.88
CA ARG A 173 11.32 5.74 -4.53
C ARG A 173 11.87 4.85 -5.64
N PHE A 174 10.98 4.21 -6.40
CA PHE A 174 11.42 3.39 -7.53
C PHE A 174 11.96 4.25 -8.65
N LEU A 175 11.37 5.43 -8.86
CA LEU A 175 11.80 6.30 -9.95
C LEU A 175 13.12 6.97 -9.64
N GLU A 176 13.41 7.24 -8.37
CA GLU A 176 14.66 7.89 -8.00
C GLU A 176 15.84 6.92 -7.97
N LEU A 177 15.57 5.63 -7.91
CA LEU A 177 16.63 4.63 -7.82
C LEU A 177 17.69 4.77 -8.91
N PRO A 178 17.34 4.81 -10.21
CA PRO A 178 18.39 4.87 -11.23
C PRO A 178 19.30 6.08 -11.10
N GLU A 179 18.76 7.23 -10.74
CA GLU A 179 19.58 8.43 -10.59
C GLU A 179 20.66 8.22 -9.54
N THR A 180 20.27 7.77 -8.35
CA THR A 180 21.24 7.52 -7.30
C THR A 180 22.23 6.44 -7.70
N VAL A 181 21.73 5.36 -8.31
CA VAL A 181 22.62 4.28 -8.73
C VAL A 181 23.65 4.79 -9.73
N ASN A 182 23.20 5.46 -10.78
CA ASN A 182 24.12 6.03 -11.76
C ASN A 182 25.03 7.07 -11.14
N LYS A 183 24.67 7.61 -9.97
CA LYS A 183 25.51 8.60 -9.31
C LYS A 183 26.66 7.95 -8.56
N VAL A 184 26.39 6.87 -7.83
CA VAL A 184 27.45 6.21 -7.07
C VAL A 184 28.41 5.46 -7.99
N LEU A 185 27.90 4.86 -9.06
CA LEU A 185 28.78 4.15 -9.97
C LEU A 185 29.80 5.08 -10.61
N GLU A 186 29.34 6.21 -11.15
CA GLU A 186 30.26 7.18 -11.73
C GLU A 186 31.21 7.73 -10.68
N ILE A 187 30.79 7.78 -9.42
CA ILE A 187 31.66 8.29 -8.36
C ILE A 187 32.67 7.23 -7.94
N PHE A 188 32.26 5.97 -7.94
CA PHE A 188 33.16 4.88 -7.56
C PHE A 188 33.95 4.33 -8.75
N THR A 189 33.47 4.54 -9.97
CA THR A 189 34.17 4.04 -11.15
C THR A 189 35.15 5.08 -11.67
N THR A 220 29.13 -3.05 -15.19
CA THR A 220 29.63 -3.20 -16.55
C THR A 220 29.35 -1.94 -17.36
N TYR A 221 30.22 -1.66 -18.32
CA TYR A 221 30.01 -0.48 -19.18
C TYR A 221 28.70 -0.55 -19.93
N PRO A 222 28.36 -1.62 -20.65
CA PRO A 222 27.06 -1.67 -21.33
C PRO A 222 25.81 -1.51 -20.46
N LYS A 223 25.93 -1.70 -19.15
CA LYS A 223 24.77 -1.57 -18.27
C LYS A 223 24.55 -0.16 -17.71
N ILE A 224 25.62 0.59 -17.50
CA ILE A 224 25.47 1.94 -16.96
C ILE A 224 24.90 2.87 -18.03
N ASP A 225 25.26 2.64 -19.30
CA ASP A 225 24.66 3.43 -20.37
C ASP A 225 23.18 3.12 -20.52
N VAL A 226 22.79 1.86 -20.32
CA VAL A 226 21.39 1.49 -20.41
C VAL A 226 20.57 2.26 -19.39
N VAL A 227 21.10 2.40 -18.17
CA VAL A 227 20.39 3.15 -17.14
C VAL A 227 20.36 4.62 -17.47
N LYS A 228 21.45 5.15 -18.04
CA LYS A 228 21.48 6.55 -18.42
C LYS A 228 20.47 6.85 -19.51
N ARG A 229 20.36 5.96 -20.51
CA ARG A 229 19.37 6.17 -21.56
C ARG A 229 17.95 6.02 -21.02
N ILE A 230 17.76 5.14 -20.06
CA ILE A 230 16.43 4.95 -19.46
C ILE A 230 15.99 6.24 -18.78
N SER A 231 16.78 6.70 -17.82
CA SER A 231 16.45 7.95 -17.13
C SER A 231 16.25 9.10 -18.10
N ALA A 232 16.92 9.05 -19.25
CA ALA A 232 16.74 10.10 -20.26
C ALA A 232 15.35 10.03 -20.87
N GLU A 233 14.83 8.82 -21.08
CA GLU A 233 13.52 8.68 -21.70
C GLU A 233 12.40 9.01 -20.70
N PHE A 234 12.53 8.55 -19.45
CA PHE A 234 11.51 8.83 -18.45
C PHE A 234 11.31 10.32 -18.24
N ARG A 235 12.26 11.15 -18.65
CA ARG A 235 12.18 12.59 -18.43
C ARG A 235 11.64 13.34 -19.63
N ASP A 236 11.71 12.76 -20.83
CA ASP A 236 11.22 13.44 -22.01
C ASP A 236 9.70 13.33 -22.09
N PRO A 237 8.97 14.43 -22.24
CA PRO A 237 7.50 14.32 -22.30
C PRO A 237 7.01 13.64 -23.56
N SER A 238 7.77 13.70 -24.65
CA SER A 238 7.35 13.07 -25.89
C SER A 238 7.40 11.55 -25.84
N LEU A 239 7.98 10.97 -24.80
CA LEU A 239 8.09 9.52 -24.66
C LEU A 239 7.38 8.98 -23.44
N CYS A 240 7.48 9.64 -22.30
CA CYS A 240 6.89 9.18 -21.05
C CYS A 240 5.74 10.09 -20.65
N THR A 241 4.96 9.60 -19.67
CA THR A 241 3.83 10.34 -19.16
C THR A 241 3.29 9.61 -17.93
N PHE A 242 2.83 10.38 -16.95
CA PHE A 242 2.28 9.85 -15.71
C PHE A 242 0.85 10.33 -15.56
N VAL A 243 -0.05 9.42 -15.23
CA VAL A 243 -1.47 9.72 -15.06
C VAL A 243 -1.86 9.40 -13.63
N GLY A 244 -2.83 10.15 -13.11
CA GLY A 244 -3.26 10.00 -11.74
C GLY A 244 -4.69 9.53 -11.60
N VAL A 245 -5.00 8.95 -10.45
CA VAL A 245 -6.34 8.45 -10.15
C VAL A 245 -6.69 8.84 -8.72
N CYS A 246 -7.93 9.27 -8.51
CA CYS A 246 -8.39 9.70 -7.19
C CYS A 246 -9.91 9.57 -7.15
N ILE A 247 -10.50 10.03 -6.05
CA ILE A 247 -11.95 10.01 -5.88
C ILE A 247 -12.38 11.31 -5.22
N PRO A 248 -13.66 11.67 -5.37
CA PRO A 248 -14.14 12.93 -4.79
C PRO A 248 -14.26 12.87 -3.27
N GLU A 249 -13.14 13.05 -2.59
CA GLU A 249 -13.12 13.10 -1.13
C GLU A 249 -12.17 14.20 -0.71
N PHE A 250 -11.87 14.25 0.60
CA PHE A 250 -10.99 15.29 1.12
C PHE A 250 -9.53 14.96 0.89
N LEU A 251 -9.15 13.69 1.09
CA LEU A 251 -7.75 13.29 0.97
C LEU A 251 -7.20 13.45 -0.43
N SER A 252 -8.04 13.69 -1.44
CA SER A 252 -7.55 13.81 -2.80
C SER A 252 -6.72 15.07 -2.97
N LEU A 253 -7.11 16.17 -2.33
CA LEU A 253 -6.40 17.43 -2.49
C LEU A 253 -4.95 17.29 -2.06
N TYR A 254 -4.73 16.97 -0.78
CA TYR A 254 -3.37 16.89 -0.26
C TYR A 254 -2.52 15.90 -1.04
N GLU A 255 -3.10 14.74 -1.40
CA GLU A 255 -2.34 13.73 -2.10
C GLU A 255 -1.97 14.19 -3.51
N THR A 256 -2.91 14.82 -4.21
CA THR A 256 -2.64 15.24 -5.58
C THR A 256 -1.56 16.32 -5.62
N GLU A 257 -1.63 17.29 -4.72
CA GLU A 257 -0.63 18.35 -4.70
C GLU A 257 0.75 17.79 -4.40
N ARG A 258 0.85 16.89 -3.41
CA ARG A 258 2.14 16.29 -3.09
C ARG A 258 2.68 15.49 -4.27
N LEU A 259 1.80 14.83 -5.01
CA LEU A 259 2.24 14.03 -6.15
C LEU A 259 2.84 14.91 -7.24
N VAL A 260 2.12 15.98 -7.63
CA VAL A 260 2.59 16.83 -8.70
C VAL A 260 3.92 17.50 -8.32
N GLN A 261 4.02 17.97 -7.08
CA GLN A 261 5.24 18.64 -6.66
C GLN A 261 6.45 17.72 -6.78
N ARG A 262 6.29 16.46 -6.36
CA ARG A 262 7.40 15.52 -6.43
C ARG A 262 7.69 15.07 -7.85
N LEU A 263 6.74 15.24 -8.77
CA LEU A 263 6.99 14.91 -10.17
C LEU A 263 7.70 16.05 -10.89
N ALA A 264 7.30 17.29 -10.62
CA ALA A 264 8.00 18.43 -11.21
C ALA A 264 9.47 18.44 -10.85
N VAL A 265 9.81 17.96 -9.65
CA VAL A 265 11.21 17.87 -9.25
C VAL A 265 11.98 17.00 -10.23
N LEU A 266 11.48 15.78 -10.47
CA LEU A 266 12.12 14.87 -11.40
C LEU A 266 11.94 15.30 -12.86
N ASP A 267 11.20 16.37 -13.12
CA ASP A 267 10.97 16.89 -14.46
C ASP A 267 10.13 15.93 -15.30
N MET A 268 9.18 15.24 -14.66
CA MET A 268 8.26 14.35 -15.35
C MET A 268 6.91 15.04 -15.51
N ASP A 269 6.33 14.93 -16.70
CA ASP A 269 5.13 15.67 -17.04
C ASP A 269 3.89 14.89 -16.63
N CYS A 270 2.94 15.60 -16.04
CA CYS A 270 1.62 15.07 -15.71
C CYS A 270 0.59 15.87 -16.50
N HIS A 271 0.06 15.28 -17.56
CA HIS A 271 -0.78 15.98 -18.51
C HIS A 271 -2.27 15.70 -18.33
N ALA A 272 -2.64 14.87 -17.37
CA ALA A 272 -4.05 14.53 -17.20
C ALA A 272 -4.24 13.82 -15.86
N ILE A 273 -5.51 13.62 -15.49
CA ILE A 273 -5.88 12.94 -14.26
C ILE A 273 -7.25 12.32 -14.47
N VAL A 274 -7.55 11.29 -13.68
CA VAL A 274 -8.78 10.53 -13.81
C VAL A 274 -9.51 10.49 -12.48
N ILE A 275 -10.82 10.72 -12.52
CA ILE A 275 -11.68 10.59 -11.36
C ILE A 275 -12.59 9.39 -11.59
N ASN A 276 -12.93 8.69 -10.51
CA ASN A 276 -13.72 7.48 -10.58
C ASN A 276 -14.70 7.45 -9.42
N PHE A 277 -15.59 6.46 -9.45
CA PHE A 277 -16.60 6.28 -8.40
C PHE A 277 -17.48 7.52 -8.29
N VAL A 278 -18.04 7.93 -9.42
CA VAL A 278 -18.89 9.11 -9.50
C VAL A 278 -20.34 8.68 -9.62
N LEU A 279 -21.23 9.49 -9.08
CA LEU A 279 -22.66 9.25 -9.10
C LEU A 279 -23.34 10.18 -10.09
N ASP A 280 -24.34 9.65 -10.80
CA ASP A 280 -25.09 10.40 -11.80
C ASP A 280 -26.44 10.88 -11.28
N ALA A 281 -26.52 11.22 -10.00
CA ALA A 281 -27.76 11.65 -9.37
C ALA A 281 -27.78 13.17 -9.24
N ASN A 282 -28.90 13.67 -8.73
CA ASN A 282 -29.09 15.11 -8.55
C ASN A 282 -30.14 15.32 -7.47
N ALA A 283 -30.29 16.58 -7.06
CA ALA A 283 -31.27 16.90 -6.02
C ALA A 283 -32.67 16.42 -6.40
N ALA A 284 -32.99 16.39 -7.69
CA ALA A 284 -34.29 15.91 -8.13
C ALA A 284 -34.48 14.42 -7.85
N THR A 285 -33.40 13.69 -7.60
CA THR A 285 -33.53 12.27 -7.36
C THR A 285 -34.24 12.02 -6.04
N PRO A 286 -35.15 11.03 -5.97
CA PRO A 286 -35.86 10.79 -4.70
C PRO A 286 -35.00 10.13 -3.65
N CYS A 287 -34.10 9.25 -4.02
CA CYS A 287 -33.27 8.54 -3.04
C CYS A 287 -32.45 9.54 -2.23
N SER A 288 -32.64 9.53 -0.92
CA SER A 288 -31.91 10.45 -0.06
C SER A 288 -30.42 10.16 -0.07
N MET A 289 -30.05 8.88 -0.06
CA MET A 289 -28.64 8.51 -0.06
C MET A 289 -27.94 9.04 -1.31
N CYS A 290 -28.45 8.68 -2.49
CA CYS A 290 -27.86 9.16 -3.73
C CYS A 290 -27.81 10.68 -3.78
N ARG A 291 -28.76 11.35 -3.11
CA ARG A 291 -28.78 12.80 -3.12
C ARG A 291 -27.71 13.38 -2.20
N SER A 292 -27.53 12.80 -1.02
CA SER A 292 -26.55 13.31 -0.07
C SER A 292 -25.13 13.14 -0.61
N ARG A 293 -24.81 11.96 -1.13
CA ARG A 293 -23.46 11.71 -1.62
C ARG A 293 -23.11 12.66 -2.76
N ALA A 294 -24.08 12.97 -3.62
CA ALA A 294 -23.81 13.84 -4.76
C ALA A 294 -23.37 15.22 -4.31
N ARG A 295 -24.10 15.81 -3.36
CA ARG A 295 -23.71 17.12 -2.84
C ARG A 295 -22.28 17.09 -2.29
N MET A 296 -21.89 15.97 -1.71
CA MET A 296 -20.53 15.86 -1.17
C MET A 296 -19.49 15.82 -2.27
N GLN A 297 -19.87 15.38 -3.47
CA GLN A 297 -18.93 15.25 -4.57
C GLN A 297 -18.84 16.52 -5.42
N ASN A 298 -19.97 17.18 -5.67
CA ASN A 298 -19.95 18.40 -6.45
C ASN A 298 -19.04 19.45 -5.83
N LYS A 299 -18.76 19.33 -4.54
CA LYS A 299 -17.88 20.28 -3.87
C LYS A 299 -16.43 20.09 -4.31
N TYR A 300 -15.89 18.90 -4.08
CA TYR A 300 -14.49 18.65 -4.38
C TYR A 300 -14.22 18.62 -5.87
N ILE A 301 -15.19 18.18 -6.67
CA ILE A 301 -15.00 18.13 -8.12
C ILE A 301 -14.72 19.52 -8.66
N ASP A 302 -15.50 20.51 -8.21
CA ASP A 302 -15.29 21.89 -8.67
C ASP A 302 -13.94 22.43 -8.21
N GLN A 303 -13.49 22.05 -7.02
CA GLN A 303 -12.20 22.52 -6.53
C GLN A 303 -11.07 22.08 -7.46
N ILE A 304 -11.05 20.80 -7.81
CA ILE A 304 -9.96 20.27 -8.62
C ILE A 304 -9.92 20.94 -9.98
N ASN A 305 -11.09 21.19 -10.57
CA ASN A 305 -11.13 21.81 -11.89
C ASN A 305 -10.52 23.20 -11.87
N GLU A 306 -10.74 23.95 -10.79
CA GLU A 306 -10.23 25.31 -10.72
C GLU A 306 -8.71 25.34 -10.57
N LEU A 307 -8.14 24.36 -9.87
CA LEU A 307 -6.70 24.37 -9.63
C LEU A 307 -5.93 23.90 -10.87
N TYR A 308 -6.30 22.75 -11.41
CA TYR A 308 -5.59 22.12 -12.52
C TYR A 308 -6.40 22.21 -13.82
N ASP A 309 -7.04 23.36 -14.04
CA ASP A 309 -7.81 23.54 -15.28
C ASP A 309 -6.95 23.30 -16.51
N ASP A 310 -5.64 23.51 -16.40
CA ASP A 310 -4.75 23.32 -17.54
C ASP A 310 -4.61 21.84 -17.91
N PHE A 311 -5.00 20.93 -17.02
CA PHE A 311 -4.87 19.50 -17.28
C PHE A 311 -6.17 18.94 -17.86
N ASN A 312 -6.06 17.76 -18.45
CA ASN A 312 -7.20 17.04 -19.00
C ASN A 312 -7.83 16.23 -17.87
N ILE A 313 -8.94 16.73 -17.34
CA ILE A 313 -9.68 16.06 -16.27
C ILE A 313 -10.83 15.28 -16.88
N VAL A 314 -10.95 14.02 -16.48
CA VAL A 314 -11.99 13.13 -17.00
C VAL A 314 -12.75 12.54 -15.83
N LEU A 315 -14.04 12.26 -16.05
CA LEU A 315 -14.92 11.75 -15.02
C LEU A 315 -15.46 10.39 -15.46
N SER A 316 -15.35 9.41 -14.57
CA SER A 316 -15.86 8.07 -14.83
C SER A 316 -17.03 7.78 -13.90
N PRO A 317 -18.16 7.28 -14.39
CA PRO A 317 -19.32 7.06 -13.53
C PRO A 317 -19.22 5.73 -12.80
N LEU A 318 -20.21 5.51 -11.93
CA LEU A 318 -20.33 4.27 -11.19
C LEU A 318 -21.17 3.28 -11.98
N ARG A 319 -20.81 2.00 -11.87
CA ARG A 319 -21.48 0.94 -12.60
C ARG A 319 -22.24 0.03 -11.64
N HIS A 320 -23.18 -0.73 -12.20
CA HIS A 320 -24.03 -1.59 -11.38
C HIS A 320 -23.22 -2.74 -10.78
N ASP A 321 -22.52 -3.48 -11.61
CA ASP A 321 -21.74 -4.64 -11.20
C ASP A 321 -20.25 -4.32 -11.26
N GLU A 322 -19.43 -5.33 -10.98
CA GLU A 322 -17.99 -5.17 -11.03
C GLU A 322 -17.51 -5.12 -12.47
N VAL A 323 -16.21 -5.08 -12.65
CA VAL A 323 -15.58 -5.01 -13.97
C VAL A 323 -14.65 -6.23 -14.07
N ARG A 324 -15.18 -7.30 -14.64
CA ARG A 324 -14.43 -8.55 -14.80
C ARG A 324 -14.74 -9.12 -16.17
N GLY A 325 -13.72 -9.26 -16.99
CA GLY A 325 -13.86 -9.82 -18.31
C GLY A 325 -13.72 -8.76 -19.39
N ILE A 326 -13.24 -9.20 -20.56
CA ILE A 326 -13.03 -8.28 -21.67
C ILE A 326 -14.33 -7.59 -22.06
N ALA A 327 -15.46 -8.24 -21.79
CA ALA A 327 -16.75 -7.63 -22.14
C ALA A 327 -16.93 -6.29 -21.44
N ASN A 328 -16.71 -6.27 -20.13
CA ASN A 328 -16.94 -5.04 -19.36
C ASN A 328 -15.83 -4.02 -19.57
N LEU A 329 -14.66 -4.43 -20.06
CA LEU A 329 -13.56 -3.49 -20.24
C LEU A 329 -13.84 -2.54 -21.41
N ARG A 330 -14.11 -3.10 -22.59
CA ARG A 330 -14.34 -2.27 -23.76
C ARG A 330 -15.48 -1.28 -23.57
N ASP A 331 -16.39 -1.56 -22.63
CA ASP A 331 -17.45 -0.61 -22.32
C ASP A 331 -16.96 0.45 -21.33
N TYR A 332 -15.98 0.11 -20.50
CA TYR A 332 -15.44 1.08 -19.55
C TYR A 332 -14.52 2.08 -20.24
N ALA A 333 -13.95 1.71 -21.38
CA ALA A 333 -13.01 2.60 -22.07
C ALA A 333 -13.73 3.68 -22.86
N GLU A 334 -14.96 3.42 -23.29
CA GLU A 334 -15.69 4.43 -24.06
C GLU A 334 -15.85 5.73 -23.27
N THR A 335 -15.91 5.64 -21.94
CA THR A 335 -16.07 6.83 -21.12
C THR A 335 -14.81 7.69 -21.10
N LEU A 336 -13.67 7.14 -21.50
CA LEU A 336 -12.41 7.88 -21.49
C LEU A 336 -12.16 8.64 -22.78
N ILE A 337 -12.82 8.26 -23.87
CA ILE A 337 -12.64 8.94 -25.16
C ILE A 337 -13.79 9.92 -25.35
N LYS A 338 -15.02 9.42 -25.38
CA LYS A 338 -16.17 10.29 -25.49
C LYS A 338 -16.80 10.48 -24.11
N PRO A 339 -16.97 11.72 -23.64
CA PRO A 339 -17.41 11.92 -22.26
C PRO A 339 -18.84 11.48 -22.04
N TYR A 340 -19.09 10.95 -20.84
CA TYR A 340 -20.42 10.56 -20.45
C TYR A 340 -21.34 11.78 -20.38
N ARG A 341 -22.65 11.52 -20.38
CA ARG A 341 -23.67 12.56 -20.33
C ARG A 341 -24.33 12.51 -18.96
N PHE A 342 -23.93 13.43 -18.08
CA PHE A 342 -24.48 13.50 -16.73
C PHE A 342 -25.75 14.34 -16.73
N CYS A 343 -26.37 14.43 -15.55
CA CYS A 343 -27.59 15.22 -15.42
C CYS A 343 -27.30 16.70 -15.62
N TRP A 344 -26.28 17.22 -14.94
CA TRP A 344 -25.95 18.65 -15.02
C TRP A 344 -25.26 19.02 -16.33
N SER A 345 -25.06 18.07 -17.24
CA SER A 345 -24.41 18.39 -18.51
C SER A 345 -25.23 19.40 -19.30
N ALA A 346 -24.62 19.94 -20.34
CA ALA A 346 -25.24 20.92 -21.21
C ALA A 346 -25.37 20.36 -22.63
N ASN A 347 -25.87 21.18 -23.54
CA ASN A 347 -26.05 20.78 -24.92
C ASN A 347 -26.99 19.58 -25.03
N MET B 1 -20.25 -15.95 17.49
CA MET B 1 -21.72 -16.03 17.27
C MET B 1 -22.35 -14.65 17.22
N LEU B 2 -22.26 -13.92 18.32
CA LEU B 2 -22.87 -12.60 18.41
C LEU B 2 -22.09 -11.61 17.55
N PRO B 3 -22.77 -10.85 16.68
CA PRO B 3 -22.04 -9.89 15.81
C PRO B 3 -21.71 -8.59 16.54
N SER B 4 -20.72 -8.66 17.43
CA SER B 4 -20.30 -7.50 18.20
C SER B 4 -18.95 -7.79 18.81
N LEU B 5 -18.32 -6.73 19.34
CA LEU B 5 -17.02 -6.82 19.99
C LEU B 5 -17.12 -6.60 21.50
N HIS B 6 -18.31 -6.76 22.07
CA HIS B 6 -18.47 -6.53 23.50
C HIS B 6 -17.57 -7.45 24.32
N ASP B 7 -17.28 -8.64 23.81
CA ASP B 7 -16.40 -9.55 24.52
C ASP B 7 -14.98 -9.02 24.62
N ILE B 8 -14.61 -8.03 23.79
CA ILE B 8 -13.25 -7.51 23.81
C ILE B 8 -13.04 -6.61 25.02
N LEU B 9 -13.97 -5.69 25.26
CA LEU B 9 -13.79 -4.72 26.33
C LEU B 9 -13.72 -5.39 27.69
N ASP B 10 -14.54 -6.41 27.90
CA ASP B 10 -14.56 -7.08 29.21
C ASP B 10 -13.19 -7.66 29.55
N GLN B 11 -12.43 -8.11 28.55
CA GLN B 11 -11.11 -8.69 28.79
C GLN B 11 -10.09 -7.55 28.90
N HIS B 12 -10.00 -6.98 30.10
CA HIS B 12 -9.03 -5.92 30.36
C HIS B 12 -7.60 -6.42 30.28
N THR B 13 -7.37 -7.73 30.29
CA THR B 13 -6.02 -8.26 30.24
C THR B 13 -5.32 -7.92 28.93
N TYR B 14 -6.06 -7.55 27.89
CA TYR B 14 -5.45 -7.25 26.61
C TYR B 14 -4.43 -6.12 26.74
N LYS B 15 -3.38 -6.20 25.94
CA LYS B 15 -2.32 -5.19 25.95
C LYS B 15 -2.06 -4.67 24.54
N TRP B 16 -2.28 -5.52 23.54
CA TRP B 16 -1.97 -5.19 22.15
C TRP B 16 -3.17 -5.51 21.28
N ILE B 17 -3.67 -4.51 20.56
CA ILE B 17 -4.75 -4.67 19.61
C ILE B 17 -4.25 -4.24 18.24
N PHE B 18 -4.73 -4.94 17.20
CA PHE B 18 -4.31 -4.67 15.83
C PHE B 18 -5.53 -4.55 14.93
N PHE B 19 -5.36 -3.80 13.85
CA PHE B 19 -6.40 -3.63 12.83
C PHE B 19 -5.71 -3.61 11.47
N GLY B 20 -5.90 -4.67 10.69
CA GLY B 20 -5.22 -4.81 9.42
C GLY B 20 -6.17 -5.21 8.31
N GLY B 21 -5.69 -5.06 7.09
CA GLY B 21 -6.48 -5.40 5.91
C GLY B 21 -5.99 -4.63 4.71
N LYS B 22 -6.82 -4.64 3.67
CA LYS B 22 -6.52 -3.95 2.43
C LYS B 22 -6.74 -2.45 2.60
N GLY B 23 -6.41 -1.70 1.55
CA GLY B 23 -6.54 -0.25 1.58
C GLY B 23 -7.87 0.23 1.02
N GLY B 24 -8.42 1.26 1.66
CA GLY B 24 -9.67 1.84 1.21
C GLY B 24 -10.88 1.15 1.79
N VAL B 25 -10.77 0.68 3.03
CA VAL B 25 -11.87 -0.05 3.67
C VAL B 25 -12.23 0.49 5.04
N GLY B 26 -11.38 1.25 5.70
CA GLY B 26 -11.72 1.83 6.99
C GLY B 26 -10.86 1.34 8.13
N LYS B 27 -9.60 1.01 7.85
CA LYS B 27 -8.69 0.57 8.91
C LYS B 27 -8.47 1.68 9.93
N THR B 28 -8.30 2.90 9.46
CA THR B 28 -8.04 4.02 10.37
C THR B 28 -9.31 4.45 11.08
N THR B 29 -10.38 4.68 10.33
CA THR B 29 -11.63 5.13 10.93
C THR B 29 -12.11 4.15 12.00
N THR B 30 -11.87 2.85 11.81
CA THR B 30 -12.35 1.86 12.75
C THR B 30 -11.49 1.85 14.02
N SER B 31 -10.16 1.83 13.85
CA SER B 31 -9.27 1.75 15.01
C SER B 31 -9.46 2.96 15.92
N SER B 32 -9.44 4.17 15.35
CA SER B 32 -9.56 5.37 16.16
C SER B 32 -10.86 5.38 16.95
N SER B 33 -11.95 4.90 16.35
CA SER B 33 -13.23 4.91 17.04
C SER B 33 -13.23 3.94 18.22
N PHE B 34 -12.74 2.72 18.00
CA PHE B 34 -12.74 1.72 19.08
C PHE B 34 -11.96 2.21 20.29
N SER B 35 -10.87 2.96 20.06
CA SER B 35 -10.08 3.46 21.16
C SER B 35 -10.87 4.45 22.01
N VAL B 36 -11.59 5.37 21.36
CA VAL B 36 -12.39 6.35 22.09
C VAL B 36 -13.39 5.64 22.99
N LEU B 37 -14.00 4.56 22.50
CA LEU B 37 -15.00 3.84 23.29
C LEU B 37 -14.38 3.26 24.55
N MET B 38 -13.19 2.68 24.43
CA MET B 38 -12.55 2.05 25.57
C MET B 38 -12.08 3.08 26.60
N ALA B 39 -11.74 4.28 26.15
CA ALA B 39 -11.26 5.30 27.07
C ALA B 39 -12.39 5.83 27.95
N GLU B 40 -13.48 6.30 27.32
CA GLU B 40 -14.60 6.83 28.09
C GLU B 40 -15.19 5.80 29.05
N THR B 41 -14.91 4.51 28.83
CA THR B 41 -15.41 3.46 29.70
C THR B 41 -14.47 3.17 30.87
N ARG B 42 -13.18 3.45 30.71
CA ARG B 42 -12.17 3.22 31.74
C ARG B 42 -11.40 4.51 31.94
N PRO B 43 -11.94 5.46 32.72
CA PRO B 43 -11.27 6.75 32.88
C PRO B 43 -10.08 6.73 33.83
N ASN B 44 -9.89 5.67 34.60
CA ASN B 44 -8.80 5.58 35.56
C ASN B 44 -7.60 4.82 35.01
N GLU B 45 -7.37 4.90 33.71
CA GLU B 45 -6.24 4.22 33.09
C GLU B 45 -5.77 5.04 31.88
N LYS B 46 -4.62 4.65 31.35
CA LYS B 46 -4.03 5.29 30.19
C LYS B 46 -4.18 4.41 28.97
N PHE B 47 -4.25 5.04 27.80
CA PHE B 47 -4.36 4.33 26.54
C PHE B 47 -3.59 5.09 25.47
N LEU B 48 -3.08 4.36 24.49
CA LEU B 48 -2.25 4.94 23.43
C LEU B 48 -2.71 4.43 22.08
N LEU B 49 -2.72 5.34 21.10
CA LEU B 49 -2.94 5.01 19.70
C LEU B 49 -1.64 5.25 18.94
N LEU B 50 -1.46 4.50 17.85
CA LEU B 50 -0.22 4.58 17.09
C LEU B 50 -0.51 4.17 15.65
N SER B 51 0.14 4.85 14.72
CA SER B 51 0.00 4.60 13.29
C SER B 51 1.33 4.18 12.70
N THR B 52 1.34 3.05 12.01
CA THR B 52 2.53 2.54 11.34
C THR B 52 2.47 2.69 9.84
N ASP B 53 1.43 3.33 9.32
CA ASP B 53 1.27 3.49 7.88
C ASP B 53 1.91 4.80 7.43
N PRO B 54 2.70 4.79 6.35
CA PRO B 54 3.29 6.06 5.88
C PRO B 54 2.25 7.10 5.52
N ALA B 55 1.11 6.68 4.97
CA ALA B 55 0.03 7.60 4.63
C ALA B 55 -0.76 7.95 5.90
N HIS B 56 -0.08 8.65 6.80
CA HIS B 56 -0.67 9.04 8.07
C HIS B 56 -1.87 9.96 7.84
N ASN B 57 -3.07 9.47 8.18
CA ASN B 57 -4.30 10.23 8.00
C ASN B 57 -5.12 10.33 9.27
N ILE B 58 -4.55 9.97 10.43
CA ILE B 58 -5.28 10.09 11.68
C ILE B 58 -5.63 11.53 11.96
N SER B 59 -4.68 12.44 11.73
CA SER B 59 -4.92 13.85 12.01
C SER B 59 -6.13 14.37 11.26
N ASP B 60 -6.38 13.84 10.05
CA ASP B 60 -7.53 14.28 9.26
C ASP B 60 -8.84 13.72 9.82
N ALA B 61 -8.78 12.66 10.62
CA ALA B 61 -9.99 12.09 11.19
C ALA B 61 -10.42 12.80 12.46
N PHE B 62 -9.45 13.24 13.27
CA PHE B 62 -9.73 13.95 14.51
C PHE B 62 -9.84 15.45 14.32
N ASP B 63 -9.50 15.97 13.14
CA ASP B 63 -9.47 17.41 12.90
C ASP B 63 -8.46 18.11 13.81
N GLN B 64 -7.46 17.36 14.25
CA GLN B 64 -6.44 17.86 15.15
C GLN B 64 -5.06 17.46 14.62
N LYS B 65 -4.07 18.29 14.90
CA LYS B 65 -2.72 18.06 14.41
C LYS B 65 -1.95 17.15 15.36
N PHE B 66 -1.09 16.31 14.78
CA PHE B 66 -0.28 15.39 15.55
C PHE B 66 1.14 15.40 14.99
N GLY B 67 2.09 15.04 15.84
CA GLY B 67 3.49 15.01 15.46
C GLY B 67 4.13 13.66 15.68
N LYS B 68 5.45 13.59 15.49
CA LYS B 68 6.20 12.35 15.66
C LYS B 68 6.39 11.95 17.11
N ALA B 69 5.91 12.76 18.05
CA ALA B 69 6.02 12.47 19.47
C ALA B 69 4.64 12.29 20.08
N PRO B 70 4.52 11.51 21.16
CA PRO B 70 3.20 11.29 21.76
C PRO B 70 2.60 12.60 22.25
N THR B 71 1.33 12.81 21.92
CA THR B 71 0.58 13.99 22.30
C THR B 71 -0.71 13.57 22.99
N GLN B 72 -1.49 14.55 23.40
CA GLN B 72 -2.76 14.32 24.08
C GLN B 72 -3.90 14.93 23.27
N VAL B 73 -5.03 14.25 23.26
CA VAL B 73 -6.20 14.70 22.53
C VAL B 73 -6.91 15.78 23.32
N SER B 74 -7.48 16.76 22.61
CA SER B 74 -8.14 17.87 23.29
C SER B 74 -9.48 17.44 23.88
N GLY B 75 -10.19 16.56 23.20
CA GLY B 75 -11.51 16.17 23.67
C GLY B 75 -11.48 15.37 24.95
N ILE B 76 -10.43 14.59 25.16
CA ILE B 76 -10.33 13.73 26.33
C ILE B 76 -8.87 13.62 26.77
N PRO B 77 -8.59 13.61 28.08
CA PRO B 77 -7.20 13.56 28.53
C PRO B 77 -6.64 12.15 28.62
N ASN B 78 -7.52 11.16 28.80
CA ASN B 78 -7.07 9.79 29.00
C ASN B 78 -6.38 9.24 27.77
N LEU B 79 -6.76 9.69 26.58
CA LEU B 79 -6.24 9.14 25.33
C LEU B 79 -5.05 9.94 24.83
N TYR B 80 -4.15 9.24 24.14
CA TYR B 80 -2.97 9.84 23.55
C TYR B 80 -2.83 9.34 22.11
N ALA B 81 -2.13 10.13 21.30
CA ALA B 81 -1.92 9.83 19.89
C ALA B 81 -0.44 9.91 19.56
N MET B 82 -0.08 9.36 18.41
CA MET B 82 1.30 9.33 17.98
C MET B 82 1.35 8.76 16.57
N GLU B 83 2.42 9.11 15.85
CA GLU B 83 2.66 8.60 14.50
C GLU B 83 4.16 8.52 14.27
N VAL B 84 4.62 7.38 13.77
CA VAL B 84 6.04 7.11 13.58
C VAL B 84 6.41 7.45 12.14
N ASP B 85 7.60 8.02 11.96
CA ASP B 85 8.13 8.35 10.65
C ASP B 85 9.59 7.94 10.58
N ALA B 86 10.14 8.00 9.37
CA ALA B 86 11.52 7.60 9.12
C ALA B 86 12.46 8.78 8.98
N SER B 87 11.96 10.01 9.02
CA SER B 87 12.79 11.20 8.87
C SER B 87 13.32 11.72 10.20
N ASN B 88 13.04 11.05 11.30
CA ASN B 88 13.52 11.46 12.62
C ASN B 88 14.66 10.57 13.11
N GLU B 89 14.56 9.26 12.87
CA GLU B 89 15.63 8.35 13.29
C GLU B 89 16.93 8.67 12.57
N MET B 90 16.87 8.80 11.24
CA MET B 90 18.05 9.19 10.49
C MET B 90 18.54 10.58 10.92
N LYS B 91 17.59 11.49 11.20
CA LYS B 91 17.96 12.82 11.63
C LYS B 91 18.72 12.78 12.96
N SER B 92 18.27 11.93 13.89
CA SER B 92 18.97 11.80 15.16
C SER B 92 20.31 11.12 14.99
N ALA B 93 20.36 10.09 14.14
CA ALA B 93 21.62 9.39 13.90
C ALA B 93 22.64 10.30 13.21
N VAL B 94 22.17 11.22 12.37
CA VAL B 94 23.04 12.15 11.69
C VAL B 94 23.80 12.99 12.72
N UNK B 107 26.20 6.60 10.65
CA UNK B 107 27.36 7.37 10.22
C UNK B 107 28.65 6.64 10.54
N UNK B 108 28.89 6.44 11.84
CA UNK B 108 30.10 5.74 12.28
C UNK B 108 30.16 4.34 11.71
N UNK B 109 29.02 3.64 11.73
CA UNK B 109 28.94 2.29 11.20
C UNK B 109 28.86 2.32 9.67
N UNK B 110 28.20 3.35 9.14
CA UNK B 110 28.05 3.50 7.70
C UNK B 110 29.41 3.64 7.04
N UNK B 111 30.30 4.38 7.69
CA UNK B 111 31.66 4.59 7.18
C UNK B 111 32.37 3.25 7.03
N UNK B 112 32.30 2.43 8.06
CA UNK B 112 32.92 1.11 8.03
C UNK B 112 32.28 0.23 6.96
N UNK B 113 31.03 0.52 6.65
CA UNK B 113 30.30 -0.23 5.63
C UNK B 113 30.95 -0.06 4.27
N UNK B 114 31.34 1.18 3.95
CA UNK B 114 31.97 1.48 2.68
C UNK B 114 33.29 0.75 2.55
N UNK B 115 34.04 0.67 3.64
CA UNK B 115 35.33 0.00 3.65
C UNK B 115 35.16 -1.47 3.27
N UNK B 116 34.09 -2.08 3.76
CA UNK B 116 33.81 -3.48 3.45
C UNK B 116 33.47 -3.64 1.97
N UNK B 117 32.74 -2.67 1.44
CA UNK B 117 32.36 -2.69 0.03
C UNK B 117 33.58 -2.44 -0.85
N UNK B 118 34.42 -1.50 -0.44
CA UNK B 118 35.63 -1.18 -1.18
C UNK B 118 36.60 -2.36 -1.18
N UNK B 119 36.59 -3.11 -0.08
CA UNK B 119 37.47 -4.26 0.06
C UNK B 119 37.20 -5.29 -1.03
N UNK B 120 35.95 -5.75 -1.10
CA UNK B 120 35.55 -6.75 -2.09
C UNK B 120 35.81 -6.24 -3.50
N UNK B 121 35.65 -4.94 -3.70
CA UNK B 121 35.88 -4.32 -4.99
C UNK B 121 37.35 -4.43 -5.40
N UNK B 122 38.22 -4.49 -4.39
CA UNK B 122 39.66 -4.60 -4.64
C UNK B 122 40.05 -6.05 -4.88
N UNK B 123 39.47 -6.95 -4.10
CA UNK B 123 39.76 -8.38 -4.22
C UNK B 123 39.11 -8.97 -5.47
N UNK B 124 38.12 -8.26 -6.01
CA UNK B 124 37.42 -8.71 -7.20
C UNK B 124 38.37 -8.80 -8.39
N THR B 126 31.36 12.44 3.36
CA THR B 126 31.93 11.88 2.14
C THR B 126 30.88 11.82 1.03
N CYS B 127 31.30 11.39 -0.16
CA CYS B 127 30.38 11.25 -1.27
C CYS B 127 29.22 10.33 -0.90
N ALA B 128 29.53 9.17 -0.30
CA ALA B 128 28.48 8.27 0.15
C ALA B 128 27.62 8.91 1.22
N SER B 129 28.21 9.76 2.06
CA SER B 129 27.44 10.45 3.09
C SER B 129 26.31 11.27 2.47
N SER B 130 26.57 11.90 1.32
CA SER B 130 25.53 12.66 0.65
C SER B 130 24.31 11.79 0.36
N PHE B 131 24.54 10.51 0.05
CA PHE B 131 23.42 9.60 -0.20
C PHE B 131 22.52 9.48 1.02
N ILE B 132 23.09 9.67 2.23
CA ILE B 132 22.27 9.58 3.44
C ILE B 132 21.30 10.74 3.53
N LYS B 133 21.67 11.91 2.99
CA LYS B 133 20.79 13.07 3.06
C LYS B 133 19.48 12.81 2.32
N ASP B 134 19.56 12.49 1.04
CA ASP B 134 18.37 12.25 0.24
C ASP B 134 17.64 10.97 0.64
N GLY B 135 18.23 10.14 1.48
CA GLY B 135 17.56 8.92 1.90
C GLY B 135 17.28 8.02 0.72
N THR B 136 15.99 7.73 0.50
CA THR B 136 15.57 6.83 -0.57
C THR B 136 16.20 5.46 -0.40
N PHE B 137 16.19 4.96 0.84
CA PHE B 137 16.75 3.66 1.16
C PHE B 137 15.60 2.66 1.31
N PRO B 138 15.42 1.72 0.38
CA PRO B 138 14.31 0.79 0.49
C PRO B 138 14.32 0.04 1.82
N GLY B 139 13.14 -0.13 2.40
CA GLY B 139 12.98 -0.84 3.65
C GLY B 139 13.20 0.00 4.90
N MET B 140 13.67 1.24 4.76
CA MET B 140 13.93 2.07 5.93
C MET B 140 12.67 2.26 6.76
N ASP B 141 11.52 2.42 6.10
CA ASP B 141 10.26 2.62 6.82
C ASP B 141 10.01 1.46 7.78
N GLU B 142 10.30 0.23 7.34
CA GLU B 142 10.05 -0.93 8.18
C GLU B 142 11.15 -1.11 9.21
N MET B 143 12.39 -0.77 8.87
CA MET B 143 13.50 -0.93 9.79
C MET B 143 13.38 0.05 10.96
N TRP B 144 13.38 1.36 10.65
CA TRP B 144 13.34 2.36 11.70
C TRP B 144 12.07 2.27 12.52
N SER B 145 10.96 1.86 11.91
CA SER B 145 9.70 1.75 12.65
C SER B 145 9.83 0.74 13.78
N PHE B 146 10.45 -0.40 13.52
CA PHE B 146 10.64 -1.40 14.56
C PHE B 146 11.46 -0.83 15.71
N ILE B 147 12.41 0.06 15.40
CA ILE B 147 13.24 0.63 16.45
C ILE B 147 12.41 1.53 17.36
N ASN B 148 11.62 2.43 16.77
CA ASN B 148 10.82 3.35 17.56
C ASN B 148 9.91 2.60 18.53
N LEU B 149 9.14 1.63 18.01
CA LEU B 149 8.21 0.89 18.85
C LEU B 149 8.92 0.27 20.05
N ILE B 150 10.07 -0.38 19.80
CA ILE B 150 10.79 -1.04 20.88
C ILE B 150 11.09 -0.06 22.01
N LYS B 151 11.43 1.18 21.66
CA LYS B 151 11.65 2.19 22.68
C LYS B 151 10.37 2.48 23.44
N LEU B 152 9.25 2.57 22.72
CA LEU B 152 7.96 2.82 23.38
C LEU B 152 7.46 1.57 24.08
N ILE B 153 7.76 0.39 23.54
CA ILE B 153 7.29 -0.85 24.14
C ILE B 153 7.94 -1.06 25.51
N ASP B 154 9.19 -0.61 25.66
CA ASP B 154 9.87 -0.78 26.93
C ASP B 154 9.14 -0.05 28.05
N THR B 155 8.72 1.19 27.79
CA THR B 155 7.99 1.95 28.80
C THR B 155 6.73 1.21 29.23
N ASN B 156 6.40 1.30 30.50
CA ASN B 156 5.27 0.57 31.06
C ASN B 156 4.31 1.49 31.79
N GLU B 157 3.99 2.63 31.19
CA GLU B 157 3.04 3.58 31.74
C GLU B 157 1.64 3.41 31.17
N TYR B 158 1.53 3.11 29.87
CA TYR B 158 0.24 2.85 29.27
C TYR B 158 -0.24 1.44 29.62
N SER B 159 -1.54 1.23 29.47
CA SER B 159 -2.15 -0.07 29.73
C SER B 159 -2.25 -0.91 28.46
N THR B 160 -2.75 -0.33 27.38
CA THR B 160 -2.91 -1.02 26.12
C THR B 160 -2.45 -0.12 24.98
N VAL B 161 -2.37 -0.71 23.79
CA VAL B 161 -1.91 -0.01 22.59
C VAL B 161 -2.74 -0.47 21.41
N ILE B 162 -3.11 0.47 20.55
CA ILE B 162 -3.89 0.20 19.36
C ILE B 162 -3.06 0.59 18.14
N PHE B 163 -3.18 -0.19 17.07
CA PHE B 163 -2.37 0.00 15.87
C PHE B 163 -3.27 0.18 14.66
N ASP B 164 -2.89 1.13 13.80
CA ASP B 164 -3.50 1.31 12.49
C ASP B 164 -2.45 0.88 11.47
N THR B 165 -2.45 -0.41 11.16
CA THR B 165 -1.39 -1.01 10.37
C THR B 165 -1.53 -0.67 8.90
N ALA B 166 -0.48 -0.98 8.14
CA ALA B 166 -0.43 -0.77 6.70
C ALA B 166 -0.95 -2.02 6.01
N PRO B 167 -0.99 -2.06 4.67
CA PRO B 167 -1.48 -3.26 3.98
C PRO B 167 -0.84 -4.54 4.48
N THR B 168 -1.53 -5.66 4.28
CA THR B 168 -1.04 -6.94 4.78
C THR B 168 0.33 -7.28 4.22
N GLY B 169 0.66 -6.77 3.02
CA GLY B 169 1.94 -7.10 2.41
C GLY B 169 3.12 -6.73 3.28
N HIS B 170 2.96 -5.72 4.15
CA HIS B 170 4.05 -5.22 4.98
C HIS B 170 3.91 -5.57 6.45
N THR B 171 2.68 -5.52 6.99
CA THR B 171 2.51 -5.78 8.42
C THR B 171 3.00 -7.16 8.81
N LEU B 172 2.87 -8.14 7.91
CA LEU B 172 3.35 -9.49 8.22
C LEU B 172 4.86 -9.51 8.34
N ARG B 173 5.56 -8.92 7.36
CA ARG B 173 7.02 -8.88 7.41
C ARG B 173 7.50 -8.16 8.67
N PHE B 174 6.68 -7.24 9.21
CA PHE B 174 7.05 -6.56 10.44
C PHE B 174 6.92 -7.49 11.64
N LEU B 175 5.93 -8.39 11.61
CA LEU B 175 5.72 -9.30 12.73
C LEU B 175 6.78 -10.39 12.79
N GLU B 176 7.30 -10.80 11.63
CA GLU B 176 8.32 -11.85 11.60
C GLU B 176 9.70 -11.33 11.95
N LEU B 177 9.93 -10.03 11.88
CA LEU B 177 11.25 -9.46 12.16
C LEU B 177 11.82 -9.92 13.50
N PRO B 178 11.12 -9.80 14.63
CA PRO B 178 11.73 -10.22 15.90
C PRO B 178 12.11 -11.68 15.94
N GLU B 179 11.32 -12.56 15.32
CA GLU B 179 11.64 -13.98 15.32
C GLU B 179 12.96 -14.25 14.62
N THR B 180 13.29 -13.48 13.58
CA THR B 180 14.54 -13.67 12.87
C THR B 180 15.70 -12.96 13.55
N VAL B 181 15.45 -11.80 14.17
CA VAL B 181 16.51 -11.08 14.85
C VAL B 181 17.03 -11.90 16.02
N ASN B 182 16.13 -12.46 16.83
CA ASN B 182 16.56 -13.29 17.95
C ASN B 182 17.35 -14.50 17.47
N LYS B 183 17.03 -15.02 16.28
CA LYS B 183 17.74 -16.18 15.76
C LYS B 183 19.19 -15.83 15.43
N VAL B 184 19.39 -14.88 14.52
CA VAL B 184 20.74 -14.51 14.12
C VAL B 184 21.52 -13.99 15.32
N LEU B 185 20.89 -13.21 16.18
CA LEU B 185 21.55 -12.70 17.38
C LEU B 185 22.04 -13.86 18.25
N GLU B 186 21.14 -14.77 18.61
CA GLU B 186 21.52 -15.91 19.44
C GLU B 186 22.50 -16.81 18.72
N ILE B 187 22.46 -16.83 17.38
CA ILE B 187 23.38 -17.68 16.64
C ILE B 187 24.78 -17.07 16.59
N PHE B 188 24.87 -15.74 16.57
CA PHE B 188 26.16 -15.07 16.55
C PHE B 188 26.70 -14.79 17.95
N THR B 189 25.83 -14.75 18.95
CA THR B 189 26.25 -14.51 20.33
C THR B 189 26.38 -15.82 21.10
N TYR B 221 22.23 -9.01 27.42
CA TYR B 221 21.08 -9.60 28.10
C TYR B 221 19.86 -8.68 28.08
N PRO B 222 20.04 -7.39 28.40
CA PRO B 222 18.87 -6.49 28.43
C PRO B 222 18.13 -6.41 27.11
N LYS B 223 18.85 -6.45 25.99
CA LYS B 223 18.22 -6.31 24.69
C LYS B 223 17.52 -7.60 24.27
N ILE B 224 18.20 -8.74 24.42
CA ILE B 224 17.65 -10.00 23.95
C ILE B 224 16.42 -10.39 24.78
N ASP B 225 16.44 -10.10 26.08
CA ASP B 225 15.29 -10.41 26.92
C ASP B 225 14.09 -9.56 26.56
N VAL B 226 14.32 -8.30 26.20
CA VAL B 226 13.21 -7.41 25.83
C VAL B 226 12.46 -7.97 24.62
N VAL B 227 13.19 -8.25 23.55
CA VAL B 227 12.55 -8.77 22.34
C VAL B 227 11.93 -10.13 22.61
N LYS B 228 12.61 -10.97 23.38
CA LYS B 228 12.08 -12.29 23.69
C LYS B 228 10.75 -12.19 24.41
N ARG B 229 10.63 -11.24 25.32
CA ARG B 229 9.37 -11.05 26.04
C ARG B 229 8.29 -10.51 25.12
N ILE B 230 8.67 -9.65 24.17
CA ILE B 230 7.70 -9.08 23.25
C ILE B 230 7.07 -10.18 22.40
N SER B 231 7.90 -10.94 21.69
CA SER B 231 7.39 -12.04 20.86
C SER B 231 6.56 -13.01 21.68
N ALA B 232 6.84 -13.11 22.99
CA ALA B 232 6.04 -14.00 23.84
C ALA B 232 4.63 -13.45 24.03
N GLU B 233 4.50 -12.13 24.16
CA GLU B 233 3.19 -11.53 24.38
C GLU B 233 2.36 -11.54 23.11
N PHE B 234 2.98 -11.20 21.97
CA PHE B 234 2.25 -11.19 20.71
C PHE B 234 1.64 -12.53 20.37
N ARG B 235 2.11 -13.61 20.99
CA ARG B 235 1.62 -14.95 20.69
C ARG B 235 0.55 -15.43 21.66
N ASP B 236 0.47 -14.84 22.84
CA ASP B 236 -0.53 -15.27 23.82
C ASP B 236 -1.88 -14.66 23.47
N PRO B 237 -2.95 -15.47 23.34
CA PRO B 237 -4.25 -14.89 22.99
C PRO B 237 -4.84 -14.03 24.09
N SER B 238 -4.46 -14.25 25.34
CA SER B 238 -4.99 -13.45 26.45
C SER B 238 -4.41 -12.05 26.49
N LEU B 239 -3.42 -11.74 25.67
CA LEU B 239 -2.80 -10.41 25.65
C LEU B 239 -2.93 -9.72 24.31
N CYS B 240 -2.74 -10.44 23.21
CA CYS B 240 -2.77 -9.87 21.87
C CYS B 240 -3.99 -10.36 21.11
N THR B 241 -4.26 -9.70 19.99
CA THR B 241 -5.40 -10.05 19.14
C THR B 241 -5.29 -9.24 17.86
N PHE B 242 -5.67 -9.86 16.75
CA PHE B 242 -5.64 -9.24 15.43
C PHE B 242 -7.05 -9.24 14.86
N VAL B 243 -7.46 -8.10 14.32
CA VAL B 243 -8.80 -7.94 13.74
C VAL B 243 -8.64 -7.58 12.27
N GLY B 244 -9.60 -7.99 11.47
CA GLY B 244 -9.56 -7.78 10.04
C GLY B 244 -10.65 -6.87 9.52
N VAL B 245 -10.42 -6.28 8.36
CA VAL B 245 -11.38 -5.39 7.72
C VAL B 245 -11.42 -5.71 6.23
N CYS B 246 -12.62 -5.71 5.66
CA CYS B 246 -12.80 -6.03 4.25
C CYS B 246 -14.11 -5.41 3.78
N ILE B 247 -14.48 -5.70 2.55
CA ILE B 247 -15.73 -5.21 1.97
C ILE B 247 -16.37 -6.33 1.15
N PRO B 248 -17.67 -6.25 0.92
CA PRO B 248 -18.36 -7.31 0.17
C PRO B 248 -18.02 -7.28 -1.32
N GLU B 249 -16.87 -7.84 -1.67
CA GLU B 249 -16.45 -7.96 -3.07
C GLU B 249 -15.84 -9.34 -3.26
N PHE B 250 -15.23 -9.56 -4.42
CA PHE B 250 -14.63 -10.85 -4.72
C PHE B 250 -13.26 -11.00 -4.08
N LEU B 251 -12.45 -9.94 -4.10
CA LEU B 251 -11.09 -10.01 -3.58
C LEU B 251 -11.04 -10.28 -2.08
N SER B 252 -12.17 -10.17 -1.37
CA SER B 252 -12.16 -10.38 0.07
C SER B 252 -11.86 -11.84 0.42
N LEU B 253 -12.39 -12.77 -0.36
CA LEU B 253 -12.21 -14.19 -0.06
C LEU B 253 -10.72 -14.56 -0.07
N TYR B 254 -10.06 -14.39 -1.21
CA TYR B 254 -8.67 -14.79 -1.32
C TYR B 254 -7.80 -14.08 -0.29
N GLU B 255 -8.05 -12.80 -0.06
CA GLU B 255 -7.22 -12.05 0.89
C GLU B 255 -7.45 -12.53 2.32
N THR B 256 -8.69 -12.81 2.68
CA THR B 256 -8.97 -13.23 4.05
C THR B 256 -8.37 -14.60 4.35
N GLU B 257 -8.50 -15.55 3.41
CA GLU B 257 -7.92 -16.87 3.62
C GLU B 257 -6.41 -16.80 3.76
N ARG B 258 -5.75 -16.04 2.89
CA ARG B 258 -4.30 -15.90 2.97
C ARG B 258 -3.89 -15.27 4.29
N LEU B 259 -4.68 -14.32 4.79
CA LEU B 259 -4.34 -13.65 6.04
C LEU B 259 -4.39 -14.63 7.21
N VAL B 260 -5.50 -15.37 7.32
CA VAL B 260 -5.66 -16.29 8.45
C VAL B 260 -4.57 -17.36 8.43
N GLN B 261 -4.29 -17.91 7.25
CA GLN B 261 -3.28 -18.96 7.14
C GLN B 261 -1.93 -18.48 7.65
N ARG B 262 -1.54 -17.26 7.27
CA ARG B 262 -0.25 -16.73 7.69
C ARG B 262 -0.25 -16.33 9.16
N LEU B 263 -1.42 -16.14 9.76
CA LEU B 263 -1.48 -15.84 11.19
C LEU B 263 -1.41 -17.11 12.03
N ALA B 264 -2.11 -18.17 11.60
CA ALA B 264 -2.03 -19.44 12.30
C ALA B 264 -0.60 -19.95 12.37
N VAL B 265 0.20 -19.66 11.34
CA VAL B 265 1.61 -20.05 11.35
C VAL B 265 2.31 -19.43 12.56
N LEU B 266 2.21 -18.11 12.70
CA LEU B 266 2.82 -17.42 13.83
C LEU B 266 2.10 -17.69 15.14
N ASP B 267 1.01 -18.45 15.13
CA ASP B 267 0.25 -18.79 16.33
C ASP B 267 -0.42 -17.57 16.94
N MET B 268 -0.88 -16.65 16.09
CA MET B 268 -1.62 -15.47 16.54
C MET B 268 -3.10 -15.68 16.27
N ASP B 269 -3.92 -15.33 17.25
CA ASP B 269 -5.35 -15.61 17.21
C ASP B 269 -6.10 -14.49 16.51
N CYS B 270 -7.02 -14.88 15.62
CA CYS B 270 -7.94 -13.95 14.96
C CYS B 270 -9.35 -14.34 15.39
N HIS B 271 -9.94 -13.55 16.30
CA HIS B 271 -11.19 -13.90 16.94
C HIS B 271 -12.39 -13.16 16.36
N ALA B 272 -12.19 -12.29 15.36
CA ALA B 272 -13.30 -11.52 14.82
C ALA B 272 -12.86 -10.86 13.52
N ILE B 273 -13.83 -10.28 12.82
CA ILE B 273 -13.59 -9.57 11.57
C ILE B 273 -14.68 -8.52 11.42
N VAL B 274 -14.40 -7.49 10.63
CA VAL B 274 -15.29 -6.36 10.44
C VAL B 274 -15.56 -6.16 8.96
N ILE B 275 -16.83 -5.95 8.62
CA ILE B 275 -17.23 -5.58 7.27
C ILE B 275 -17.73 -4.15 7.29
N ASN B 276 -17.49 -3.44 6.20
CA ASN B 276 -17.83 -2.03 6.10
C ASN B 276 -18.37 -1.73 4.71
N PHE B 277 -18.85 -0.50 4.54
CA PHE B 277 -19.42 -0.05 3.26
C PHE B 277 -20.58 -0.93 2.84
N VAL B 278 -21.54 -1.09 3.75
CA VAL B 278 -22.71 -1.93 3.51
C VAL B 278 -23.92 -1.04 3.25
N LEU B 279 -24.84 -1.54 2.43
CA LEU B 279 -26.05 -0.84 2.06
C LEU B 279 -27.25 -1.45 2.78
N ASP B 280 -28.17 -0.58 3.19
CA ASP B 280 -29.38 -1.00 3.90
C ASP B 280 -30.61 -1.02 3.00
N ALA B 281 -30.42 -1.39 1.73
CA ALA B 281 -31.52 -1.41 0.77
C ALA B 281 -32.00 -2.84 0.56
N ASN B 282 -33.03 -2.99 -0.27
CA ASN B 282 -33.62 -4.29 -0.57
C ASN B 282 -34.33 -4.20 -1.91
N ALA B 283 -34.76 -5.36 -2.40
CA ALA B 283 -35.46 -5.39 -3.69
C ALA B 283 -36.66 -4.47 -3.70
N ALA B 284 -37.31 -4.26 -2.54
CA ALA B 284 -38.45 -3.36 -2.47
C ALA B 284 -38.06 -1.91 -2.72
N THR B 285 -36.77 -1.58 -2.62
CA THR B 285 -36.34 -0.20 -2.81
C THR B 285 -36.54 0.19 -4.28
N PRO B 286 -37.02 1.42 -4.55
CA PRO B 286 -37.22 1.81 -5.95
C PRO B 286 -35.93 2.10 -6.70
N CYS B 287 -34.93 2.66 -6.03
CA CYS B 287 -33.68 3.01 -6.70
C CYS B 287 -33.04 1.75 -7.29
N SER B 288 -32.83 1.77 -8.62
CA SER B 288 -32.24 0.62 -9.28
C SER B 288 -30.80 0.41 -8.83
N MET B 289 -30.04 1.50 -8.66
CA MET B 289 -28.65 1.38 -8.25
C MET B 289 -28.55 0.72 -6.88
N CYS B 290 -29.23 1.27 -5.88
CA CYS B 290 -29.19 0.68 -4.56
C CYS B 290 -29.67 -0.76 -4.57
N ARG B 291 -30.55 -1.12 -5.50
CA ARG B 291 -31.05 -2.48 -5.56
C ARG B 291 -30.01 -3.42 -6.17
N SER B 292 -29.33 -2.99 -7.23
CA SER B 292 -28.34 -3.84 -7.88
C SER B 292 -27.16 -4.12 -6.97
N ARG B 293 -26.64 -3.08 -6.32
CA ARG B 293 -25.48 -3.26 -5.45
C ARG B 293 -25.79 -4.22 -4.30
N ALA B 294 -27.01 -4.15 -3.78
CA ALA B 294 -27.37 -4.99 -2.64
C ALA B 294 -27.30 -6.48 -3.02
N ARG B 295 -27.88 -6.84 -4.17
CA ARG B 295 -27.82 -8.23 -4.61
C ARG B 295 -26.37 -8.69 -4.73
N MET B 296 -25.46 -7.79 -5.13
CA MET B 296 -24.06 -8.16 -5.25
C MET B 296 -23.42 -8.41 -3.89
N GLN B 297 -23.96 -7.82 -2.83
CA GLN B 297 -23.38 -7.95 -1.50
C GLN B 297 -23.97 -9.12 -0.72
N ASN B 298 -25.27 -9.37 -0.86
CA ASN B 298 -25.88 -10.48 -0.16
C ASN B 298 -25.23 -11.81 -0.54
N LYS B 299 -24.55 -11.85 -1.69
CA LYS B 299 -23.88 -13.07 -2.13
C LYS B 299 -22.64 -13.34 -1.29
N TYR B 300 -21.70 -12.40 -1.30
CA TYR B 300 -20.43 -12.62 -0.61
C TYR B 300 -20.59 -12.60 0.91
N ILE B 301 -21.56 -11.83 1.41
CA ILE B 301 -21.78 -11.78 2.85
C ILE B 301 -22.14 -13.16 3.39
N ASP B 302 -23.04 -13.86 2.68
CA ASP B 302 -23.43 -15.20 3.11
C ASP B 302 -22.26 -16.18 3.04
N GLN B 303 -21.39 -16.02 2.03
CA GLN B 303 -20.24 -16.91 1.92
C GLN B 303 -19.34 -16.82 3.13
N ILE B 304 -19.01 -15.59 3.55
CA ILE B 304 -18.06 -15.41 4.65
C ILE B 304 -18.64 -15.99 5.93
N ASN B 305 -19.95 -15.82 6.16
CA ASN B 305 -20.56 -16.33 7.39
C ASN B 305 -20.45 -17.85 7.47
N GLU B 306 -20.62 -18.53 6.33
CA GLU B 306 -20.57 -19.99 6.34
C GLU B 306 -19.18 -20.52 6.64
N LEU B 307 -18.14 -19.83 6.17
CA LEU B 307 -16.78 -20.31 6.34
C LEU B 307 -16.28 -20.06 7.77
N TYR B 308 -16.39 -18.82 8.23
CA TYR B 308 -15.86 -18.40 9.53
C TYR B 308 -16.97 -18.16 10.54
N ASP B 309 -17.99 -19.01 10.52
CA ASP B 309 -19.08 -18.87 11.48
C ASP B 309 -18.58 -18.87 12.91
N ASP B 310 -17.44 -19.52 13.17
CA ASP B 310 -16.89 -19.56 14.52
C ASP B 310 -16.40 -18.19 14.98
N PHE B 311 -16.20 -17.25 14.07
CA PHE B 311 -15.69 -15.93 14.42
C PHE B 311 -16.83 -14.95 14.64
N ASN B 312 -16.52 -13.84 15.30
CA ASN B 312 -17.46 -12.77 15.53
C ASN B 312 -17.45 -11.85 14.32
N ILE B 313 -18.47 -11.99 13.46
CA ILE B 313 -18.61 -11.17 12.27
C ILE B 313 -19.56 -10.03 12.56
N VAL B 314 -19.16 -8.81 12.21
CA VAL B 314 -19.94 -7.62 12.45
C VAL B 314 -20.10 -6.86 11.14
N LEU B 315 -21.23 -6.17 11.01
CA LEU B 315 -21.57 -5.44 9.80
C LEU B 315 -21.74 -3.96 10.13
N SER B 316 -21.07 -3.11 9.37
CA SER B 316 -21.16 -1.67 9.52
C SER B 316 -21.85 -1.06 8.32
N PRO B 317 -22.85 -0.19 8.51
CA PRO B 317 -23.57 0.36 7.36
C PRO B 317 -22.85 1.55 6.75
N LEU B 318 -23.41 2.03 5.65
CA LEU B 318 -22.91 3.21 4.97
C LEU B 318 -23.56 4.46 5.54
N ARG B 319 -22.80 5.54 5.60
CA ARG B 319 -23.26 6.80 6.16
C ARG B 319 -23.37 7.85 5.07
N HIS B 320 -24.13 8.91 5.37
CA HIS B 320 -24.37 9.96 4.38
C HIS B 320 -23.11 10.74 4.09
N ASP B 321 -22.45 11.26 5.13
CA ASP B 321 -21.26 12.07 5.00
C ASP B 321 -20.04 11.29 5.47
N GLU B 322 -18.88 11.96 5.45
CA GLU B 322 -17.65 11.35 5.91
C GLU B 322 -17.66 11.21 7.43
N VAL B 323 -16.55 10.73 7.97
CA VAL B 323 -16.38 10.53 9.41
C VAL B 323 -15.19 11.38 9.83
N ARG B 324 -15.46 12.60 10.29
CA ARG B 324 -14.43 13.53 10.71
C ARG B 324 -14.91 14.23 11.96
N GLY B 325 -14.16 14.07 13.05
CA GLY B 325 -14.49 14.72 14.30
C GLY B 325 -15.00 13.72 15.33
N ILE B 326 -14.76 14.03 16.61
CA ILE B 326 -15.18 13.15 17.68
C ILE B 326 -16.69 12.95 17.66
N ALA B 327 -17.44 13.92 17.11
CA ALA B 327 -18.89 13.79 17.05
C ALA B 327 -19.29 12.55 16.26
N ASN B 328 -18.74 12.39 15.05
CA ASN B 328 -19.11 11.27 14.21
C ASN B 328 -18.50 9.95 14.66
N LEU B 329 -17.46 9.98 15.49
CA LEU B 329 -16.83 8.75 15.93
C LEU B 329 -17.72 8.01 16.93
N ARG B 330 -18.11 8.68 18.01
CA ARG B 330 -18.92 8.02 19.03
C ARG B 330 -20.22 7.46 18.47
N ASP B 331 -20.68 7.96 17.32
CA ASP B 331 -21.85 7.39 16.68
C ASP B 331 -21.49 6.19 15.82
N TYR B 332 -20.26 6.15 15.30
CA TYR B 332 -19.83 5.00 14.50
C TYR B 332 -19.52 3.80 15.37
N ALA B 333 -19.20 4.02 16.65
CA ALA B 333 -18.84 2.92 17.53
C ALA B 333 -20.06 2.16 18.02
N GLU B 334 -21.21 2.82 18.12
CA GLU B 334 -22.41 2.15 18.59
C GLU B 334 -22.77 0.95 17.73
N THR B 335 -22.42 0.98 16.44
CA THR B 335 -22.71 -0.13 15.56
C THR B 335 -21.85 -1.34 15.84
N LEU B 336 -20.76 -1.18 16.58
CA LEU B 336 -19.87 -2.29 16.89
C LEU B 336 -20.25 -3.03 18.17
N ILE B 337 -21.03 -2.40 19.05
CA ILE B 337 -21.45 -3.03 20.30
C ILE B 337 -22.85 -3.58 20.13
N LYS B 338 -23.80 -2.70 19.82
CA LYS B 338 -25.16 -3.16 19.55
C LYS B 338 -25.40 -3.21 18.06
N PRO B 339 -25.85 -4.33 17.50
CA PRO B 339 -25.92 -4.45 16.05
C PRO B 339 -27.01 -3.57 15.45
N TYR B 340 -26.73 -3.06 14.26
CA TYR B 340 -27.68 -2.26 13.52
C TYR B 340 -28.89 -3.11 13.12
N ARG B 341 -29.98 -2.44 12.76
CA ARG B 341 -31.22 -3.08 12.36
C ARG B 341 -31.40 -2.87 10.86
N PHE B 342 -31.11 -3.91 10.08
CA PHE B 342 -31.25 -3.85 8.64
C PHE B 342 -32.67 -4.23 8.23
N CYS B 343 -32.93 -4.15 6.92
CA CYS B 343 -34.24 -4.53 6.41
C CYS B 343 -34.52 -6.00 6.62
N TRP B 344 -33.60 -6.86 6.19
CA TRP B 344 -33.78 -8.30 6.32
C TRP B 344 -33.63 -8.81 7.74
N SER B 345 -33.26 -7.94 8.69
CA SER B 345 -33.09 -8.37 10.06
C SER B 345 -34.40 -8.89 10.63
N ALA B 346 -34.31 -9.55 11.78
CA ALA B 346 -35.47 -10.12 12.44
C ALA B 346 -35.15 -10.43 13.91
N GLN C 118 23.12 -6.04 -13.86
CA GLN C 118 22.86 -6.57 -12.53
C GLN C 118 24.14 -6.69 -11.72
N LYS C 119 25.28 -6.68 -12.41
CA LYS C 119 26.56 -6.77 -11.73
C LYS C 119 26.77 -5.60 -10.78
N TYR C 120 26.81 -4.38 -11.32
CA TYR C 120 26.92 -3.20 -10.47
C TYR C 120 25.72 -3.10 -9.53
N LEU C 121 24.52 -3.37 -10.04
CA LEU C 121 23.34 -3.40 -9.18
C LEU C 121 23.50 -4.43 -8.07
N LEU C 122 24.15 -5.56 -8.37
CA LEU C 122 24.42 -6.55 -7.33
C LEU C 122 25.25 -5.94 -6.21
N VAL C 123 26.26 -5.15 -6.56
CA VAL C 123 27.00 -4.41 -5.54
C VAL C 123 26.08 -3.48 -4.78
N PHE C 124 25.18 -2.80 -5.49
CA PHE C 124 24.16 -2.00 -4.82
C PHE C 124 23.27 -2.88 -3.94
N TRP C 125 22.91 -4.06 -4.43
CA TRP C 125 22.20 -5.03 -3.60
C TRP C 125 23.04 -5.41 -2.39
N ILE C 126 24.36 -5.56 -2.59
CA ILE C 126 25.25 -5.82 -1.46
C ILE C 126 25.33 -4.59 -0.57
N ALA C 127 25.35 -3.40 -1.17
CA ALA C 127 25.35 -2.17 -0.37
C ALA C 127 24.07 -2.07 0.47
N LEU C 128 22.91 -2.31 -0.16
CA LEU C 128 21.67 -2.32 0.60
C LEU C 128 21.55 -3.50 1.57
N ILE C 129 22.10 -4.66 1.21
CA ILE C 129 22.08 -5.79 2.12
C ILE C 129 22.93 -5.54 3.36
N LEU C 130 23.98 -4.73 3.22
CA LEU C 130 24.82 -4.41 4.36
C LEU C 130 24.10 -3.47 5.32
N LEU C 131 23.33 -2.51 4.79
CA LEU C 131 22.57 -1.61 5.64
C LEU C 131 21.60 -2.38 6.53
N ILE C 132 21.02 -3.45 5.99
CA ILE C 132 20.07 -4.25 6.77
C ILE C 132 20.80 -4.95 7.92
N ILE C 133 21.96 -5.54 7.63
CA ILE C 133 22.71 -6.23 8.67
C ILE C 133 23.28 -5.22 9.67
N GLY C 134 23.79 -4.09 9.17
CA GLY C 134 24.37 -3.10 10.06
C GLY C 134 23.33 -2.45 10.96
N ILE C 135 22.15 -2.15 10.42
CA ILE C 135 21.12 -1.49 11.22
C ILE C 135 20.69 -2.37 12.39
N TYR C 136 20.97 -3.67 12.32
CA TYR C 136 20.57 -4.57 13.41
C TYR C 136 21.30 -4.23 14.70
N TYR C 137 22.54 -3.78 14.60
CA TYR C 137 23.30 -3.43 15.80
C TYR C 137 22.64 -2.32 16.60
N VAL C 138 21.88 -1.45 15.93
CA VAL C 138 21.20 -0.36 16.63
C VAL C 138 20.24 -0.93 17.67
N LEU C 139 19.69 -2.12 17.41
CA LEU C 139 18.77 -2.76 18.33
C LEU C 139 19.49 -3.19 19.61
#